data_7OEM
#
_entry.id   7OEM
#
_cell.length_a   63.940
_cell.length_b   63.940
_cell.length_c   226.660
_cell.angle_alpha   90.000
_cell.angle_beta   90.000
_cell.angle_gamma   120.000
#
_symmetry.space_group_name_H-M   'P 32 2 1'
#
loop_
_entity.id
_entity.type
_entity.pdbx_description
1 polymer 'N6-adenosine-methyltransferase catalytic subunit'
2 polymer 'N6-adenosine-methyltransferase non-catalytic subunit'
3 non-polymer 'MAGNESIUM ION'
4 non-polymer 4-[(4,4-dimethylpiperidin-1-yl)methyl]-2-methylsulfanyl-~{N}-[[(3~{R})-3-oxidanyl-1-[6-[(phenylmethyl)amino]pyrimidin-4-yl]piperidin-3-yl]methyl]benzamide
5 non-polymer 'ACETATE ION'
6 water water
#
loop_
_entity_poly.entity_id
_entity_poly.type
_entity_poly.pdbx_seq_one_letter_code
_entity_poly.pdbx_strand_id
1 'polypeptide(L)'
;MGHHHHHHSSGRENLYFQGALTQSVGGDSSADRLFPPQWICCDIRYLDVSILGKFAVVMADPPWDIHMELPYGTLTDDEM
RRLNIPVLQDDGFLFLWVTGRAMELGRECLNLWGYERVDEIIWVKTNQLQRIIRTGRTGHWLNHGKEHCLVGVKGNPQGF
NQGLDCDVIVAEVRSTSHKPDEIYGMIERLSPGTRKIELFGRPHNVQPNWITLGNQLDGIHLLDPDVVARFKQRYPDGII
SKPKNL
;
A
2 'polypeptide(L)'
;MLKGTQSLNPHNDYCQHFVDTGHRPQNFIRDVGLADRFEEYPKLRELIRLKDELIAKSNTPPMYLQADIEAFDIRELTPK
FDVILLEPPLEEYYRETGITANEKCWTWDDIMKLEIDEIAAPRSFIFLWCGSGEGLDLGRVCLRKWGYRRCEDICWIKTN
KNNPGKTKTLDPKAVFQRTKEHCLMGIKGTVKRSTDGDFIHANVDIDLIITEEPEIGNIEKPVEIFHIIEHFCLGRRRLH
LFGRDSTIRPGWLTVGPTLTNSNYNAETYASYFSAPNSYLTGCTEEIERL
;
B
#
# COMPACT_ATOMS: atom_id res chain seq x y z
N LEU A 34 -32.24 7.62 -11.72
CA LEU A 34 -32.99 6.39 -11.94
C LEU A 34 -32.26 5.15 -11.40
N PHE A 35 -32.61 4.75 -10.18
CA PHE A 35 -32.10 3.65 -9.36
C PHE A 35 -31.47 2.46 -10.09
N PRO A 36 -32.11 1.83 -11.10
CA PRO A 36 -31.60 0.53 -11.61
C PRO A 36 -30.33 0.69 -12.44
N PRO A 37 -29.65 -0.42 -12.76
CA PRO A 37 -28.34 -0.31 -13.43
C PRO A 37 -28.43 0.33 -14.79
N GLN A 38 -27.38 1.08 -15.14
CA GLN A 38 -27.23 1.67 -16.47
C GLN A 38 -25.80 1.47 -16.93
N TRP A 39 -25.59 1.40 -18.24
CA TRP A 39 -24.25 1.28 -18.77
C TRP A 39 -24.13 1.91 -20.15
N ILE A 40 -22.88 2.08 -20.60
CA ILE A 40 -22.54 2.62 -21.90
C ILE A 40 -21.32 1.86 -22.40
N CYS A 41 -21.49 1.12 -23.49
CA CYS A 41 -20.33 0.52 -24.15
C CYS A 41 -19.59 1.60 -24.93
N CYS A 42 -18.32 1.82 -24.60
CA CYS A 42 -17.59 2.93 -25.20
C CYS A 42 -16.10 2.75 -24.98
N ASP A 43 -15.31 3.48 -25.78
CA ASP A 43 -13.91 3.75 -25.49
C ASP A 43 -13.89 4.94 -24.54
N ILE A 44 -13.49 4.70 -23.29
CA ILE A 44 -13.52 5.76 -22.29
C ILE A 44 -12.58 6.91 -22.66
N ARG A 45 -11.57 6.65 -23.50
CA ARG A 45 -10.75 7.74 -24.02
C ARG A 45 -11.58 8.76 -24.78
N TYR A 46 -12.61 8.30 -25.49
CA TYR A 46 -13.31 9.15 -26.45
C TYR A 46 -14.68 9.60 -25.99
N LEU A 47 -15.32 8.93 -25.04
CA LEU A 47 -16.63 9.38 -24.60
C LEU A 47 -16.55 10.78 -24.02
N ASP A 48 -17.55 11.58 -24.32
CA ASP A 48 -17.71 12.91 -23.72
C ASP A 48 -18.46 12.72 -22.40
N VAL A 49 -17.72 12.64 -21.29
CA VAL A 49 -18.36 12.35 -20.01
C VAL A 49 -19.09 13.54 -19.41
N SER A 50 -18.97 14.72 -20.02
CA SER A 50 -19.71 15.88 -19.53
C SER A 50 -21.20 15.66 -19.56
N ILE A 51 -21.69 14.69 -20.35
CA ILE A 51 -23.13 14.45 -20.42
C ILE A 51 -23.67 13.68 -19.23
N LEU A 52 -22.81 13.12 -18.37
CA LEU A 52 -23.23 12.16 -17.35
C LEU A 52 -23.65 12.82 -16.04
N GLY A 53 -23.37 14.09 -15.85
CA GLY A 53 -23.65 14.71 -14.57
C GLY A 53 -22.52 14.53 -13.57
N LYS A 54 -22.85 14.83 -12.32
CA LYS A 54 -21.94 14.73 -11.18
C LYS A 54 -22.30 13.52 -10.33
N PHE A 55 -21.29 12.94 -9.67
CA PHE A 55 -21.43 11.69 -8.96
C PHE A 55 -20.81 11.80 -7.58
N ALA A 56 -21.48 11.21 -6.59
CA ALA A 56 -20.94 11.22 -5.24
C ALA A 56 -19.68 10.37 -5.15
N VAL A 57 -19.60 9.29 -5.93
CA VAL A 57 -18.49 8.35 -5.90
C VAL A 57 -18.13 7.98 -7.34
N VAL A 58 -16.83 8.03 -7.65
CA VAL A 58 -16.24 7.46 -8.86
C VAL A 58 -15.39 6.27 -8.42
N MET A 59 -15.53 5.14 -9.13
CA MET A 59 -14.60 4.03 -9.03
C MET A 59 -13.99 3.72 -10.38
N ALA A 60 -12.69 3.44 -10.40
CA ALA A 60 -12.01 3.07 -11.63
C ALA A 60 -11.05 1.91 -11.38
N ASP A 61 -11.06 0.95 -12.30
CA ASP A 61 -10.14 -0.18 -12.25
C ASP A 61 -9.38 -0.19 -13.58
N PRO A 62 -8.42 0.72 -13.77
CA PRO A 62 -7.92 0.99 -15.12
C PRO A 62 -7.07 -0.14 -15.66
N PRO A 63 -7.02 -0.32 -16.99
CA PRO A 63 -6.03 -1.23 -17.60
C PRO A 63 -4.67 -0.53 -17.72
N TRP A 64 -4.01 -0.43 -16.58
CA TRP A 64 -2.71 0.23 -16.53
C TRP A 64 -1.73 -0.47 -17.46
N ASP A 65 -0.82 0.30 -18.02
CA ASP A 65 0.24 -0.25 -18.86
C ASP A 65 1.41 -0.64 -17.97
N ILE A 66 1.35 -1.85 -17.43
CA ILE A 66 2.38 -2.30 -16.50
C ILE A 66 3.03 -3.56 -17.05
N PRO A 71 -1.16 -5.18 -24.37
CA PRO A 71 -2.06 -6.27 -23.96
C PRO A 71 -3.49 -6.09 -24.48
N TYR A 72 -4.49 -6.26 -23.62
CA TYR A 72 -5.89 -6.27 -24.06
C TYR A 72 -6.29 -4.94 -24.69
N GLY A 73 -6.80 -4.03 -23.88
CA GLY A 73 -7.04 -2.67 -24.32
C GLY A 73 -6.47 -1.66 -23.33
N THR A 74 -5.16 -1.73 -23.10
CA THR A 74 -4.53 -0.89 -22.10
C THR A 74 -4.43 0.57 -22.55
N LEU A 75 -4.35 1.46 -21.56
CA LEU A 75 -4.13 2.88 -21.79
C LEU A 75 -2.71 3.25 -21.41
N THR A 76 -2.09 4.07 -22.22
CA THR A 76 -0.78 4.59 -21.86
C THR A 76 -0.90 5.51 -20.66
N ASP A 77 0.24 5.78 -20.03
CA ASP A 77 0.25 6.71 -18.91
C ASP A 77 -0.36 8.06 -19.30
N ASP A 78 -0.04 8.55 -20.49
CA ASP A 78 -0.57 9.85 -20.93
C ASP A 78 -2.08 9.79 -21.11
N GLU A 79 -2.60 8.68 -21.64
CA GLU A 79 -4.04 8.56 -21.81
C GLU A 79 -4.74 8.53 -20.46
N MET A 80 -4.17 7.82 -19.49
CA MET A 80 -4.72 7.84 -18.14
C MET A 80 -4.73 9.25 -17.57
N ARG A 81 -3.59 9.95 -17.69
CA ARG A 81 -3.53 11.32 -17.18
C ARG A 81 -4.59 12.21 -17.83
N ARG A 82 -4.81 12.03 -19.14
CA ARG A 82 -5.69 12.91 -19.91
C ARG A 82 -7.17 12.62 -19.71
N LEU A 83 -7.53 11.49 -19.08
CA LEU A 83 -8.95 11.20 -18.83
C LEU A 83 -9.61 12.37 -18.12
N ASN A 84 -10.86 12.62 -18.48
CA ASN A 84 -11.56 13.79 -17.97
C ASN A 84 -12.30 13.49 -16.68
N ILE A 85 -11.59 12.87 -15.73
CA ILE A 85 -12.14 12.67 -14.38
C ILE A 85 -12.61 13.99 -13.75
N PRO A 86 -11.89 15.13 -13.87
CA PRO A 86 -12.30 16.33 -13.12
C PRO A 86 -13.74 16.79 -13.32
N VAL A 87 -14.38 16.46 -14.44
CA VAL A 87 -15.76 16.91 -14.65
C VAL A 87 -16.77 16.02 -13.94
N LEU A 88 -16.35 14.85 -13.46
CA LEU A 88 -17.28 13.87 -12.94
C LEU A 88 -17.79 14.18 -11.55
N GLN A 89 -17.08 14.99 -10.78
CA GLN A 89 -17.47 15.27 -9.39
C GLN A 89 -17.18 16.71 -9.05
N ASP A 90 -17.95 17.25 -8.10
CA ASP A 90 -17.64 18.48 -7.36
C ASP A 90 -17.19 18.18 -5.95
N ASP A 91 -17.89 17.29 -5.26
CA ASP A 91 -17.56 16.94 -3.88
C ASP A 91 -17.86 15.45 -3.72
N GLY A 92 -16.81 14.65 -3.52
CA GLY A 92 -17.01 13.23 -3.37
C GLY A 92 -15.69 12.48 -3.35
N PHE A 93 -15.81 11.17 -3.45
CA PHE A 93 -14.68 10.27 -3.30
C PHE A 93 -14.43 9.50 -4.59
N LEU A 94 -13.16 9.14 -4.78
CA LEU A 94 -12.71 8.34 -5.91
C LEU A 94 -11.99 7.12 -5.41
N PHE A 95 -12.34 5.96 -5.97
CA PHE A 95 -11.73 4.68 -5.64
C PHE A 95 -10.95 4.22 -6.87
N LEU A 96 -9.63 4.05 -6.71
CA LEU A 96 -8.72 3.80 -7.82
C LEU A 96 -7.90 2.53 -7.53
N TRP A 97 -8.17 1.46 -8.29
CA TRP A 97 -7.40 0.23 -8.10
C TRP A 97 -6.02 0.38 -8.73
N VAL A 98 -4.99 -0.13 -8.06
CA VAL A 98 -3.60 0.05 -8.48
C VAL A 98 -2.78 -1.21 -8.16
N THR A 99 -1.79 -1.49 -9.01
CA THR A 99 -0.82 -2.55 -8.76
C THR A 99 0.51 -2.12 -9.36
N GLY A 100 1.60 -2.73 -8.87
CA GLY A 100 2.90 -2.46 -9.44
C GLY A 100 3.19 -0.97 -9.46
N ARG A 101 3.77 -0.48 -10.56
CA ARG A 101 4.14 0.92 -10.62
C ARG A 101 2.95 1.85 -10.75
N ALA A 102 1.76 1.33 -11.08
CA ALA A 102 0.55 2.12 -10.96
C ALA A 102 0.27 2.52 -9.51
N MET A 103 0.93 1.91 -8.53
CA MET A 103 0.79 2.43 -7.17
C MET A 103 1.30 3.88 -7.12
N GLU A 104 2.35 4.16 -7.87
CA GLU A 104 2.86 5.51 -7.99
C GLU A 104 2.12 6.28 -9.08
N LEU A 105 1.90 5.63 -10.23
CA LEU A 105 1.25 6.35 -11.34
C LEU A 105 -0.16 6.76 -10.96
N GLY A 106 -0.88 5.88 -10.24
CA GLY A 106 -2.24 6.23 -9.83
C GLY A 106 -2.28 7.34 -8.80
N ARG A 107 -1.24 7.46 -7.98
CA ARG A 107 -1.15 8.62 -7.09
C ARG A 107 -0.96 9.91 -7.89
N GLU A 108 -0.15 9.87 -8.93
CA GLU A 108 0.02 11.02 -9.81
C GLU A 108 -1.31 11.42 -10.41
N CYS A 109 -1.99 10.45 -11.04
CA CYS A 109 -3.29 10.72 -11.68
C CYS A 109 -4.27 11.31 -10.69
N LEU A 110 -4.40 10.67 -9.52
CA LEU A 110 -5.25 11.16 -8.44
C LEU A 110 -5.04 12.64 -8.20
N ASN A 111 -3.77 13.03 -8.00
CA ASN A 111 -3.46 14.44 -7.72
C ASN A 111 -3.68 15.32 -8.95
N LEU A 112 -3.30 14.83 -10.14
CA LEU A 112 -3.56 15.61 -11.36
C LEU A 112 -5.05 15.85 -11.54
N TRP A 113 -5.88 14.81 -11.35
CA TRP A 113 -7.33 15.00 -11.45
C TRP A 113 -7.93 15.84 -10.33
N GLY A 114 -7.17 16.28 -9.34
CA GLY A 114 -7.71 17.15 -8.29
C GLY A 114 -8.10 16.47 -6.99
N TYR A 115 -7.55 15.30 -6.70
CA TYR A 115 -7.90 14.57 -5.50
C TYR A 115 -6.71 14.52 -4.54
N GLU A 116 -7.01 14.44 -3.26
CA GLU A 116 -6.04 14.08 -2.23
C GLU A 116 -6.30 12.64 -1.80
N ARG A 117 -5.24 11.81 -1.74
CA ARG A 117 -5.40 10.43 -1.29
C ARG A 117 -5.53 10.40 0.22
N VAL A 118 -6.70 10.01 0.73
CA VAL A 118 -6.99 10.04 2.15
C VAL A 118 -7.19 8.66 2.76
N ASP A 119 -7.12 7.59 1.96
CA ASP A 119 -7.23 6.24 2.50
C ASP A 119 -6.71 5.28 1.45
N GLU A 120 -6.54 4.02 1.85
CA GLU A 120 -6.05 3.01 0.92
C GLU A 120 -6.62 1.67 1.35
N ILE A 121 -7.49 1.12 0.55
CA ILE A 121 -8.15 -0.13 0.89
C ILE A 121 -7.28 -1.28 0.45
N ILE A 122 -7.19 -2.30 1.30
CA ILE A 122 -6.44 -3.51 0.99
C ILE A 122 -7.41 -4.67 0.93
N TRP A 123 -7.39 -5.42 -0.17
CA TRP A 123 -8.18 -6.63 -0.31
C TRP A 123 -7.25 -7.82 -0.10
N VAL A 124 -7.40 -8.52 1.02
CA VAL A 124 -6.64 -9.74 1.27
C VAL A 124 -7.28 -10.87 0.50
N LYS A 125 -6.51 -11.54 -0.34
CA LYS A 125 -7.03 -12.54 -1.27
C LYS A 125 -7.02 -13.91 -0.58
N THR A 126 -8.19 -14.53 -0.48
CA THR A 126 -8.35 -15.86 0.09
C THR A 126 -9.03 -16.80 -0.90
N ASN A 127 -8.92 -18.10 -0.61
CA ASN A 127 -9.72 -19.10 -1.30
C ASN A 127 -11.06 -19.27 -0.57
N GLN A 128 -11.84 -20.29 -0.95
CA GLN A 128 -13.12 -20.54 -0.29
C GLN A 128 -12.97 -20.96 1.16
N LEU A 129 -11.75 -21.24 1.62
CA LEU A 129 -11.50 -21.67 2.99
C LEU A 129 -10.78 -20.62 3.82
N GLN A 130 -10.77 -19.36 3.36
CA GLN A 130 -10.28 -18.23 4.16
C GLN A 130 -8.76 -18.32 4.40
N ARG A 131 -8.03 -18.80 3.40
CA ARG A 131 -6.58 -18.87 3.43
C ARG A 131 -6.02 -18.02 2.30
N ILE A 132 -4.89 -17.37 2.56
CA ILE A 132 -4.33 -16.42 1.60
C ILE A 132 -3.84 -17.17 0.37
N ILE A 133 -4.17 -16.65 -0.81
CA ILE A 133 -3.74 -17.26 -2.06
C ILE A 133 -2.24 -17.10 -2.24
N HIS A 140 7.89 -9.46 -7.34
CA HIS A 140 9.14 -10.11 -7.68
C HIS A 140 9.91 -10.56 -6.45
N TRP A 141 10.13 -9.66 -5.49
CA TRP A 141 10.78 -10.04 -4.24
C TRP A 141 9.84 -10.72 -3.25
N LEU A 142 8.53 -10.46 -3.38
CA LEU A 142 7.55 -11.04 -2.47
C LEU A 142 6.36 -11.55 -3.25
N ASN A 143 5.79 -12.65 -2.78
CA ASN A 143 4.52 -13.11 -3.29
C ASN A 143 3.42 -12.16 -2.81
N HIS A 144 2.45 -11.90 -3.67
CA HIS A 144 1.44 -10.87 -3.43
C HIS A 144 0.17 -11.51 -2.90
N GLY A 145 -0.23 -11.12 -1.69
CA GLY A 145 -1.43 -11.65 -1.07
C GLY A 145 -2.60 -10.69 -1.04
N LYS A 146 -2.49 -9.53 -1.70
CA LYS A 146 -3.46 -8.47 -1.54
C LYS A 146 -3.53 -7.67 -2.84
N GLU A 147 -4.55 -6.82 -2.92
CA GLU A 147 -4.65 -5.81 -3.96
C GLU A 147 -5.00 -4.48 -3.31
N HIS A 148 -4.53 -3.41 -3.92
CA HIS A 148 -4.63 -2.07 -3.38
C HIS A 148 -5.67 -1.28 -4.13
N CYS A 149 -6.45 -0.49 -3.39
CA CYS A 149 -7.38 0.48 -3.96
C CYS A 149 -7.17 1.81 -3.24
N LEU A 150 -6.64 2.81 -3.94
CA LEU A 150 -6.54 4.14 -3.36
C LEU A 150 -7.92 4.78 -3.21
N VAL A 151 -8.05 5.60 -2.18
CA VAL A 151 -9.26 6.37 -1.93
C VAL A 151 -8.88 7.84 -1.93
N GLY A 152 -9.39 8.58 -2.89
CA GLY A 152 -9.15 10.01 -2.99
C GLY A 152 -10.39 10.81 -2.64
N VAL A 153 -10.18 12.02 -2.12
CA VAL A 153 -11.29 12.93 -1.87
C VAL A 153 -11.15 14.18 -2.73
N LYS A 154 -12.27 14.72 -3.18
CA LYS A 154 -12.33 15.98 -3.91
C LYS A 154 -13.31 16.91 -3.21
N GLY A 155 -12.92 18.18 -3.08
CA GLY A 155 -13.83 19.14 -2.48
C GLY A 155 -14.02 18.85 -1.01
N ASN A 156 -15.24 19.01 -0.53
CA ASN A 156 -15.58 18.81 0.89
C ASN A 156 -16.90 18.06 0.99
N PRO A 157 -16.86 16.74 0.84
CA PRO A 157 -18.10 15.97 0.82
C PRO A 157 -18.82 16.01 2.17
N GLN A 158 -20.15 16.19 2.10
CA GLN A 158 -20.97 16.29 3.30
C GLN A 158 -22.06 15.23 3.29
N GLY A 159 -22.36 14.68 4.47
CA GLY A 159 -23.39 13.67 4.60
C GLY A 159 -22.97 12.26 4.26
N PHE A 160 -21.66 11.98 4.26
CA PHE A 160 -21.14 10.64 4.04
C PHE A 160 -20.90 9.99 5.39
N ASN A 161 -21.02 8.66 5.44
CA ASN A 161 -20.85 7.93 6.68
C ASN A 161 -19.42 7.41 6.76
N GLN A 162 -18.51 8.29 7.13
CA GLN A 162 -17.11 7.92 7.20
C GLN A 162 -16.86 7.11 8.47
N GLY A 163 -16.08 6.03 8.35
CA GLY A 163 -15.73 5.21 9.49
C GLY A 163 -16.68 4.08 9.82
N LEU A 164 -17.66 3.79 8.96
CA LEU A 164 -18.48 2.60 9.18
C LEU A 164 -17.70 1.33 8.85
N ASP A 165 -17.01 1.30 7.72
CA ASP A 165 -16.18 0.14 7.40
C ASP A 165 -14.72 0.43 7.70
N CYS A 166 -13.96 -0.64 7.81
CA CYS A 166 -12.52 -0.51 7.98
C CYS A 166 -11.84 -0.75 6.65
N ASP A 167 -10.54 -0.48 6.59
CA ASP A 167 -9.87 -0.41 5.31
C ASP A 167 -9.28 -1.76 4.89
N VAL A 168 -9.75 -2.87 5.44
CA VAL A 168 -9.31 -4.20 5.00
C VAL A 168 -10.50 -5.01 4.51
N ILE A 169 -10.39 -5.56 3.30
CA ILE A 169 -11.38 -6.49 2.77
C ILE A 169 -10.77 -7.89 2.73
N VAL A 170 -11.55 -8.87 3.17
CA VAL A 170 -11.15 -10.29 3.11
C VAL A 170 -12.20 -11.01 2.29
N ALA A 171 -11.80 -11.57 1.16
CA ALA A 171 -12.78 -12.08 0.19
C ALA A 171 -12.09 -13.05 -0.75
N GLU A 172 -12.90 -13.92 -1.35
CA GLU A 172 -12.42 -15.00 -2.20
C GLU A 172 -12.07 -14.49 -3.59
N VAL A 173 -10.94 -14.98 -4.13
CA VAL A 173 -10.63 -14.76 -5.53
C VAL A 173 -11.60 -15.53 -6.41
N ARG A 174 -12.00 -14.90 -7.51
CA ARG A 174 -12.74 -15.57 -8.57
C ARG A 174 -11.94 -15.45 -9.86
N SER A 175 -12.56 -14.97 -10.94
CA SER A 175 -11.80 -14.78 -12.17
C SER A 175 -10.65 -13.82 -11.93
N THR A 176 -9.64 -13.92 -12.78
CA THR A 176 -8.43 -13.11 -12.61
C THR A 176 -8.76 -11.62 -12.56
N SER A 177 -9.79 -11.21 -13.27
CA SER A 177 -10.09 -9.81 -13.49
C SER A 177 -11.23 -9.30 -12.61
N HIS A 178 -11.61 -10.06 -11.57
CA HIS A 178 -12.81 -9.74 -10.81
C HIS A 178 -12.50 -9.11 -9.46
N LYS A 179 -12.76 -7.81 -9.34
CA LYS A 179 -12.69 -7.15 -8.05
C LYS A 179 -13.74 -7.71 -7.10
N PRO A 180 -13.52 -7.63 -5.78
CA PRO A 180 -14.48 -8.20 -4.83
C PRO A 180 -15.73 -7.34 -4.69
N ASP A 181 -16.90 -7.99 -4.73
CA ASP A 181 -18.15 -7.25 -4.67
C ASP A 181 -18.39 -6.58 -3.32
N GLU A 182 -17.55 -6.84 -2.32
CA GLU A 182 -17.65 -6.13 -1.05
C GLU A 182 -17.43 -4.63 -1.20
N ILE A 183 -16.66 -4.22 -2.21
CA ILE A 183 -16.37 -2.80 -2.40
C ILE A 183 -17.67 -2.01 -2.62
N TYR A 184 -18.62 -2.59 -3.37
CA TYR A 184 -19.88 -1.87 -3.63
C TYR A 184 -20.69 -1.68 -2.35
N GLY A 185 -20.64 -2.64 -1.43
CA GLY A 185 -21.35 -2.46 -0.17
C GLY A 185 -20.71 -1.40 0.71
N MET A 186 -19.38 -1.37 0.77
CA MET A 186 -18.71 -0.33 1.54
C MET A 186 -19.06 1.04 0.98
N ILE A 187 -19.10 1.14 -0.34
CA ILE A 187 -19.41 2.41 -1.00
C ILE A 187 -20.88 2.79 -0.79
N GLU A 188 -21.79 1.82 -0.88
CA GLU A 188 -23.20 2.10 -0.60
C GLU A 188 -23.40 2.56 0.84
N ARG A 189 -22.81 1.86 1.81
CA ARG A 189 -22.93 2.32 3.20
C ARG A 189 -22.29 3.68 3.38
N LEU A 190 -21.17 3.94 2.69
CA LEU A 190 -20.52 5.22 2.84
C LEU A 190 -21.39 6.34 2.27
N SER A 191 -22.09 6.07 1.16
CA SER A 191 -22.90 7.08 0.45
C SER A 191 -24.18 6.42 -0.04
N PRO A 192 -25.18 6.30 0.82
CA PRO A 192 -26.41 5.59 0.43
C PRO A 192 -27.29 6.38 -0.52
N GLY A 193 -27.80 5.70 -1.54
CA GLY A 193 -28.76 6.29 -2.45
C GLY A 193 -28.20 7.18 -3.55
N THR A 194 -26.96 7.65 -3.43
CA THR A 194 -26.40 8.64 -4.36
C THR A 194 -25.99 7.99 -5.68
N ARG A 195 -25.77 8.83 -6.70
CA ARG A 195 -25.30 8.36 -8.00
C ARG A 195 -23.81 8.02 -7.97
N LYS A 196 -23.46 6.95 -8.68
CA LYS A 196 -22.08 6.47 -8.72
C LYS A 196 -21.75 6.06 -10.15
N ILE A 197 -20.47 6.15 -10.50
CA ILE A 197 -20.03 5.80 -11.85
C ILE A 197 -18.77 4.95 -11.77
N GLU A 198 -18.76 3.86 -12.53
CA GLU A 198 -17.60 2.98 -12.64
C GLU A 198 -16.98 3.12 -14.02
N LEU A 199 -15.68 3.32 -14.03
CA LEU A 199 -14.91 3.36 -15.27
C LEU A 199 -14.18 2.04 -15.47
N PHE A 200 -14.26 1.50 -16.67
CA PHE A 200 -13.57 0.26 -17.03
C PHE A 200 -14.20 -0.96 -16.38
N GLY A 201 -15.49 -0.91 -16.10
CA GLY A 201 -16.17 -2.06 -15.56
C GLY A 201 -16.52 -3.08 -16.63
N ARG A 202 -17.04 -4.21 -16.16
CA ARG A 202 -17.46 -5.29 -17.05
C ARG A 202 -18.92 -5.57 -16.79
N PRO A 203 -19.60 -6.34 -17.65
CA PRO A 203 -21.05 -6.55 -17.46
C PRO A 203 -21.43 -6.99 -16.06
N HIS A 204 -20.65 -7.88 -15.43
CA HIS A 204 -21.04 -8.32 -14.09
C HIS A 204 -20.98 -7.20 -13.05
N ASN A 205 -20.39 -6.05 -13.39
CA ASN A 205 -20.21 -4.95 -12.44
C ASN A 205 -21.37 -3.99 -12.40
N VAL A 206 -22.35 -4.14 -13.28
CA VAL A 206 -23.47 -3.19 -13.29
C VAL A 206 -24.28 -3.40 -12.02
N GLN A 207 -24.64 -2.30 -11.35
CA GLN A 207 -25.29 -2.34 -10.07
C GLN A 207 -26.30 -1.20 -10.02
N PRO A 208 -27.34 -1.32 -9.18
CA PRO A 208 -28.24 -0.18 -8.99
C PRO A 208 -27.47 1.03 -8.50
N ASN A 209 -27.98 2.21 -8.83
CA ASN A 209 -27.39 3.51 -8.54
C ASN A 209 -26.06 3.74 -9.26
N TRP A 210 -25.59 2.80 -10.09
CA TRP A 210 -24.32 2.92 -10.80
C TRP A 210 -24.54 3.00 -12.31
N ILE A 211 -23.85 3.93 -12.95
CA ILE A 211 -23.63 3.90 -14.39
C ILE A 211 -22.27 3.29 -14.64
N THR A 212 -22.21 2.26 -15.48
CA THR A 212 -20.98 1.54 -15.76
C THR A 212 -20.49 1.85 -17.17
N LEU A 213 -19.20 2.17 -17.30
CA LEU A 213 -18.59 2.41 -18.61
C LEU A 213 -17.50 1.38 -18.86
N GLY A 214 -17.43 0.91 -20.10
CA GLY A 214 -16.41 -0.04 -20.52
C GLY A 214 -16.69 -0.44 -21.96
N ASN A 215 -15.64 -0.99 -22.60
CA ASN A 215 -15.74 -1.30 -24.02
C ASN A 215 -16.15 -2.74 -24.30
N GLN A 216 -16.54 -3.48 -23.28
CA GLN A 216 -17.06 -4.83 -23.45
C GLN A 216 -18.43 -4.99 -22.84
N LEU A 217 -19.12 -3.87 -22.63
CA LEU A 217 -20.51 -3.89 -22.23
C LEU A 217 -21.39 -4.04 -23.46
N ASP A 218 -22.63 -4.44 -23.23
CA ASP A 218 -23.52 -4.74 -24.35
C ASP A 218 -24.34 -3.49 -24.65
N GLY A 219 -23.88 -2.70 -25.61
CA GLY A 219 -24.61 -1.53 -26.08
C GLY A 219 -24.73 -0.44 -25.03
N ILE A 220 -25.83 0.31 -25.11
CA ILE A 220 -26.10 1.48 -24.29
C ILE A 220 -27.46 1.30 -23.62
N HIS A 221 -27.49 1.41 -22.29
CA HIS A 221 -28.71 1.21 -21.52
C HIS A 221 -28.80 2.34 -20.49
N LEU A 222 -29.60 3.36 -20.79
CA LEU A 222 -29.71 4.56 -19.97
C LEU A 222 -31.16 4.81 -19.61
N LEU A 223 -31.40 5.14 -18.34
CA LEU A 223 -32.73 5.23 -17.79
C LEU A 223 -32.98 6.57 -17.11
N ASP A 224 -31.93 7.17 -16.56
CA ASP A 224 -32.05 8.52 -15.98
C ASP A 224 -32.44 9.51 -17.07
N PRO A 225 -33.56 10.23 -16.91
CA PRO A 225 -34.02 11.10 -18.00
C PRO A 225 -33.06 12.24 -18.33
N ASP A 226 -32.36 12.80 -17.33
CA ASP A 226 -31.43 13.88 -17.60
C ASP A 226 -30.25 13.39 -18.42
N VAL A 227 -29.76 12.19 -18.11
CA VAL A 227 -28.66 11.61 -18.87
C VAL A 227 -29.09 11.27 -20.29
N VAL A 228 -30.31 10.73 -20.43
CA VAL A 228 -30.80 10.35 -21.76
C VAL A 228 -30.89 11.58 -22.65
N ALA A 229 -31.45 12.66 -22.12
CA ALA A 229 -31.57 13.90 -22.88
C ALA A 229 -30.20 14.40 -23.34
N ARG A 230 -29.25 14.52 -22.41
CA ARG A 230 -27.94 15.05 -22.78
C ARG A 230 -27.20 14.09 -23.69
N PHE A 231 -27.44 12.78 -23.54
CA PHE A 231 -26.81 11.84 -24.46
C PHE A 231 -27.37 12.00 -25.88
N LYS A 232 -28.70 12.05 -26.01
CA LYS A 232 -29.30 12.21 -27.33
C LYS A 232 -28.82 13.49 -28.02
N GLN A 233 -28.71 14.59 -27.27
CA GLN A 233 -28.17 15.83 -27.85
C GLN A 233 -26.73 15.65 -28.31
N ARG A 234 -25.89 15.04 -27.47
CA ARG A 234 -24.48 14.92 -27.80
C ARG A 234 -24.25 13.91 -28.91
N TYR A 235 -25.04 12.84 -28.94
CA TYR A 235 -24.84 11.71 -29.84
C TYR A 235 -26.16 11.38 -30.55
N PRO A 236 -26.64 12.28 -31.41
CA PRO A 236 -27.98 12.08 -32.01
C PRO A 236 -28.09 10.84 -32.89
N ASP A 237 -27.00 10.28 -33.39
CA ASP A 237 -27.07 9.01 -34.12
C ASP A 237 -26.45 7.86 -33.33
N GLY A 238 -26.30 8.00 -32.02
CA GLY A 238 -25.92 6.89 -31.16
C GLY A 238 -24.53 6.33 -31.33
N ILE A 239 -23.59 7.11 -31.85
CA ILE A 239 -22.23 6.64 -32.10
C ILE A 239 -21.24 7.56 -31.41
N ILE A 240 -20.19 6.98 -30.84
CA ILE A 240 -19.21 7.69 -30.03
C ILE A 240 -17.83 7.45 -30.67
N SER A 241 -17.34 8.43 -31.44
CA SER A 241 -16.05 8.34 -32.09
C SER A 241 -15.21 9.56 -31.73
N LYS A 242 -13.94 9.53 -32.17
CA LYS A 242 -13.05 10.69 -32.07
C LYS A 242 -12.88 11.20 -30.65
N ASP B 13 -20.07 -11.95 3.67
CA ASP B 13 -19.54 -10.58 3.65
C ASP B 13 -19.00 -10.18 5.03
N TYR B 14 -17.68 -10.19 5.16
CA TYR B 14 -17.05 -9.84 6.43
C TYR B 14 -17.05 -8.33 6.68
N CYS B 15 -17.12 -7.52 5.62
CA CYS B 15 -17.31 -6.08 5.81
C CYS B 15 -18.64 -5.80 6.51
N GLN B 16 -19.72 -6.38 5.97
CA GLN B 16 -21.02 -6.28 6.62
C GLN B 16 -20.98 -6.80 8.05
N HIS B 17 -20.21 -7.88 8.29
CA HIS B 17 -20.07 -8.38 9.65
C HIS B 17 -19.37 -7.37 10.56
N PHE B 18 -18.28 -6.76 10.08
CA PHE B 18 -17.59 -5.78 10.90
C PHE B 18 -18.52 -4.63 11.25
N VAL B 19 -19.35 -4.21 10.29
CA VAL B 19 -20.30 -3.15 10.57
C VAL B 19 -21.28 -3.62 11.64
N ASP B 20 -21.65 -4.91 11.60
CA ASP B 20 -22.63 -5.42 12.56
C ASP B 20 -22.00 -5.71 13.92
N THR B 21 -20.77 -6.24 13.95
CA THR B 21 -20.20 -6.80 15.17
C THR B 21 -18.91 -6.15 15.66
N GLY B 22 -18.23 -5.35 14.84
CA GLY B 22 -16.94 -4.81 15.25
C GLY B 22 -15.77 -5.76 15.14
N HIS B 23 -15.98 -6.98 14.63
CA HIS B 23 -14.90 -7.89 14.31
C HIS B 23 -14.32 -7.51 12.95
N ARG B 24 -13.06 -7.10 12.93
CA ARG B 24 -12.42 -6.77 11.66
C ARG B 24 -12.42 -7.98 10.74
N PRO B 25 -12.62 -7.78 9.43
CA PRO B 25 -12.58 -8.91 8.50
C PRO B 25 -11.35 -9.78 8.64
N GLN B 26 -10.21 -9.19 9.01
CA GLN B 26 -8.97 -9.97 9.11
C GLN B 26 -8.98 -10.92 10.31
N ASN B 27 -9.92 -10.78 11.23
CA ASN B 27 -10.07 -11.76 12.31
C ASN B 27 -10.39 -13.15 11.79
N PHE B 28 -10.89 -13.25 10.56
CA PHE B 28 -11.37 -14.50 9.97
C PHE B 28 -10.39 -15.14 9.01
N ILE B 29 -9.23 -14.53 8.77
CA ILE B 29 -8.18 -15.21 8.03
C ILE B 29 -7.65 -16.37 8.88
N ARG B 30 -7.54 -17.53 8.27
CA ARG B 30 -7.07 -18.72 8.97
C ARG B 30 -5.64 -19.05 8.57
N ASP B 31 -4.96 -19.78 9.46
CA ASP B 31 -3.58 -20.22 9.24
C ASP B 31 -2.63 -19.03 9.13
N VAL B 32 -2.93 -17.97 9.90
CA VAL B 32 -2.15 -16.72 9.91
C VAL B 32 -2.66 -15.78 10.99
N ARG B 45 5.13 -28.35 2.03
CA ARG B 45 5.89 -28.38 3.30
C ARG B 45 7.37 -28.08 3.06
N GLU B 46 7.66 -27.26 2.06
CA GLU B 46 9.02 -26.79 1.81
C GLU B 46 9.58 -26.03 3.00
N LEU B 47 10.50 -26.64 3.76
CA LEU B 47 10.98 -26.06 5.01
C LEU B 47 12.14 -25.11 4.72
N ILE B 48 11.88 -23.80 4.75
CA ILE B 48 12.93 -22.80 4.64
C ILE B 48 13.45 -22.48 6.04
N ARG B 49 14.03 -23.49 6.70
CA ARG B 49 14.63 -23.31 8.00
C ARG B 49 16.15 -23.35 7.96
N LEU B 50 16.74 -24.01 6.96
CA LEU B 50 18.19 -23.94 6.82
C LEU B 50 18.64 -22.54 6.41
N LYS B 51 17.79 -21.83 5.67
CA LYS B 51 17.99 -20.40 5.44
C LYS B 51 18.16 -19.66 6.77
N ASP B 52 17.10 -19.66 7.60
CA ASP B 52 17.17 -19.10 8.94
C ASP B 52 18.38 -19.65 9.72
N GLU B 53 18.75 -20.91 9.48
CA GLU B 53 19.92 -21.47 10.15
C GLU B 53 21.22 -20.87 9.60
N LEU B 54 21.29 -20.66 8.29
CA LEU B 54 22.51 -20.09 7.72
C LEU B 54 22.63 -18.61 8.10
N ILE B 55 21.52 -17.89 8.09
CA ILE B 55 21.47 -16.53 8.61
C ILE B 55 22.06 -16.45 10.00
N ALA B 56 21.58 -17.32 10.91
CA ALA B 56 22.06 -17.28 12.29
C ALA B 56 23.56 -17.47 12.35
N LYS B 57 24.09 -18.35 11.51
CA LYS B 57 25.52 -18.62 11.52
C LYS B 57 26.31 -17.43 11.03
N SER B 58 25.89 -16.82 9.92
CA SER B 58 26.68 -15.70 9.40
C SER B 58 26.49 -14.40 10.17
N ASN B 59 25.53 -14.33 11.10
CA ASN B 59 25.18 -13.04 11.71
C ASN B 59 26.36 -12.47 12.49
N THR B 60 26.61 -11.18 12.28
CA THR B 60 27.53 -10.45 13.13
C THR B 60 26.92 -10.33 14.52
N PRO B 61 27.74 -10.12 15.55
CA PRO B 61 27.20 -9.81 16.86
C PRO B 61 26.36 -8.55 16.81
N PRO B 62 25.37 -8.42 17.70
CA PRO B 62 24.57 -7.21 17.69
C PRO B 62 25.42 -6.02 18.05
N MET B 63 25.22 -4.93 17.32
CA MET B 63 25.91 -3.67 17.58
C MET B 63 24.86 -2.57 17.61
N TYR B 64 25.10 -1.58 18.45
CA TYR B 64 24.04 -0.64 18.77
C TYR B 64 24.70 0.63 19.27
N LEU B 65 24.02 1.75 19.07
CA LEU B 65 24.58 3.06 19.42
C LEU B 65 23.44 3.98 19.80
N GLN B 66 23.51 4.54 21.00
CA GLN B 66 22.59 5.63 21.36
C GLN B 66 22.98 6.87 20.59
N ALA B 67 22.03 7.48 19.91
CA ALA B 67 22.32 8.68 19.14
C ALA B 67 21.04 9.47 18.94
N ASP B 68 21.12 10.79 19.13
CA ASP B 68 20.00 11.66 18.80
C ASP B 68 20.11 11.98 17.32
N ILE B 69 19.30 11.29 16.52
CA ILE B 69 19.44 11.30 15.07
C ILE B 69 19.16 12.67 14.48
N GLU B 70 18.34 13.49 15.16
CA GLU B 70 18.12 14.85 14.68
C GLU B 70 19.36 15.73 14.84
N ALA B 71 20.30 15.35 15.71
CA ALA B 71 21.50 16.14 16.00
C ALA B 71 22.78 15.45 15.58
N PHE B 72 22.68 14.27 14.99
CA PHE B 72 23.82 13.38 14.80
C PHE B 72 24.10 13.30 13.32
N ASP B 73 25.38 13.35 12.96
CA ASP B 73 25.78 13.23 11.56
C ASP B 73 25.83 11.76 11.19
N ILE B 74 24.84 11.29 10.42
CA ILE B 74 24.75 9.86 10.09
C ILE B 74 25.93 9.38 9.25
N ARG B 75 26.71 10.30 8.68
CA ARG B 75 27.88 9.90 7.92
C ARG B 75 28.92 9.23 8.79
N GLU B 76 28.87 9.41 10.11
CA GLU B 76 29.75 8.66 11.00
C GLU B 76 29.43 7.17 11.01
N LEU B 77 28.29 6.77 10.45
CA LEU B 77 27.87 5.37 10.44
C LEU B 77 28.45 4.72 9.21
N THR B 78 29.52 3.96 9.37
CA THR B 78 30.17 3.29 8.27
C THR B 78 30.36 1.83 8.61
N PRO B 79 30.60 0.97 7.61
CA PRO B 79 30.62 1.27 6.16
C PRO B 79 29.22 1.54 5.61
N LYS B 80 29.04 1.54 4.29
CA LYS B 80 27.71 1.70 3.73
C LYS B 80 26.91 0.42 3.93
N PHE B 81 25.59 0.56 4.03
CA PHE B 81 24.73 -0.53 4.46
C PHE B 81 24.02 -1.17 3.29
N ASP B 82 23.90 -2.49 3.35
CA ASP B 82 23.16 -3.25 2.35
C ASP B 82 21.66 -3.16 2.58
N VAL B 83 21.26 -3.01 3.83
CA VAL B 83 19.86 -2.98 4.24
C VAL B 83 19.70 -1.87 5.26
N ILE B 84 18.66 -1.07 5.10
CA ILE B 84 18.30 -0.06 6.09
C ILE B 84 16.84 -0.21 6.42
N LEU B 85 16.54 -0.32 7.71
CA LEU B 85 15.19 -0.38 8.24
C LEU B 85 14.98 0.90 9.02
N LEU B 86 13.99 1.66 8.63
CA LEU B 86 13.85 3.03 9.06
C LEU B 86 12.48 3.10 9.72
N GLU B 87 12.46 3.41 11.01
CA GLU B 87 11.24 3.30 11.81
C GLU B 87 11.00 4.59 12.59
N PRO B 88 10.91 5.73 11.91
CA PRO B 88 10.73 7.01 12.62
C PRO B 88 9.47 6.99 13.48
N PRO B 89 9.54 7.52 14.70
CA PRO B 89 8.35 7.57 15.55
C PRO B 89 7.35 8.63 15.11
N LEU B 90 6.28 8.21 14.45
CA LEU B 90 5.28 9.11 13.89
C LEU B 90 4.26 9.52 14.95
N GLU B 91 3.71 10.73 14.80
CA GLU B 91 2.69 11.22 15.74
C GLU B 91 1.49 10.29 15.80
N GLU B 92 1.13 9.66 14.68
CA GLU B 92 -0.04 8.80 14.64
C GLU B 92 0.14 7.51 15.43
N TYR B 93 1.37 7.17 15.81
CA TYR B 93 1.57 5.97 16.63
C TYR B 93 1.09 6.17 18.05
N TYR B 94 0.86 7.41 18.48
CA TYR B 94 0.54 7.74 19.85
C TYR B 94 -0.87 8.32 19.89
N ARG B 95 -1.78 7.60 20.53
CA ARG B 95 -3.20 7.96 20.51
C ARG B 95 -3.95 7.38 21.71
N LYS B 104 9.96 12.34 21.59
CA LYS B 104 9.99 13.23 20.42
C LYS B 104 9.45 12.56 19.15
N CYS B 105 8.31 13.02 18.66
CA CYS B 105 7.76 12.50 17.41
C CYS B 105 8.46 13.15 16.21
N TRP B 106 8.61 12.39 15.14
CA TRP B 106 9.20 12.89 13.89
C TRP B 106 8.08 13.16 12.87
N THR B 107 8.10 14.35 12.27
CA THR B 107 7.21 14.65 11.16
C THR B 107 7.83 14.16 9.86
N TRP B 108 7.03 14.17 8.80
CA TRP B 108 7.59 13.79 7.52
C TRP B 108 8.54 14.86 7.00
N ASP B 109 8.41 16.10 7.51
CA ASP B 109 9.40 17.14 7.27
C ASP B 109 10.78 16.73 7.78
N ASP B 110 10.85 16.25 9.03
CA ASP B 110 12.13 15.82 9.59
C ASP B 110 12.67 14.59 8.84
N ILE B 111 11.82 13.61 8.57
CA ILE B 111 12.29 12.35 8.00
C ILE B 111 12.87 12.59 6.61
N MET B 112 12.17 13.36 5.78
CA MET B 112 12.62 13.63 4.43
C MET B 112 13.98 14.34 4.38
N LYS B 113 14.39 15.03 5.45
CA LYS B 113 15.68 15.71 5.47
C LYS B 113 16.81 14.82 5.98
N LEU B 114 16.54 13.56 6.36
CA LEU B 114 17.61 12.63 6.69
C LEU B 114 18.43 12.30 5.44
N GLU B 115 19.75 12.27 5.60
CA GLU B 115 20.58 12.04 4.42
C GLU B 115 20.83 10.54 4.22
N ILE B 116 19.74 9.81 4.00
CA ILE B 116 19.82 8.35 3.91
C ILE B 116 20.71 7.92 2.75
N ASP B 117 20.69 8.66 1.62
CA ASP B 117 21.51 8.31 0.48
C ASP B 117 23.00 8.40 0.80
N GLU B 118 23.41 9.17 1.81
CA GLU B 118 24.82 9.28 2.14
C GLU B 118 25.37 8.05 2.86
N ILE B 119 24.53 7.16 3.41
CA ILE B 119 25.02 5.95 4.06
C ILE B 119 24.59 4.67 3.36
N ALA B 120 23.72 4.74 2.35
CA ALA B 120 23.25 3.52 1.70
C ALA B 120 24.24 3.06 0.65
N ALA B 121 24.39 1.74 0.53
CA ALA B 121 25.32 1.21 -0.46
C ALA B 121 24.73 1.35 -1.86
N PRO B 122 25.59 1.49 -2.88
CA PRO B 122 25.08 1.69 -4.25
C PRO B 122 24.03 0.68 -4.67
N ARG B 123 24.20 -0.59 -4.29
CA ARG B 123 23.15 -1.59 -4.38
C ARG B 123 22.69 -1.90 -2.96
N SER B 124 21.44 -1.57 -2.64
CA SER B 124 20.97 -1.76 -1.28
C SER B 124 19.45 -1.61 -1.22
N PHE B 125 18.92 -1.89 -0.05
CA PHE B 125 17.49 -1.98 0.18
C PHE B 125 17.11 -1.12 1.37
N ILE B 126 15.93 -0.55 1.29
CA ILE B 126 15.37 0.18 2.42
C ILE B 126 14.01 -0.41 2.74
N PHE B 127 13.68 -0.39 4.03
CA PHE B 127 12.36 -0.77 4.53
C PHE B 127 11.91 0.34 5.45
N LEU B 128 10.87 1.05 5.02
CA LEU B 128 10.41 2.26 5.68
C LEU B 128 8.99 2.04 6.19
N TRP B 129 8.84 2.09 7.51
CA TRP B 129 7.52 2.06 8.15
C TRP B 129 6.84 3.42 7.98
N CYS B 130 5.67 3.43 7.33
CA CYS B 130 5.03 4.65 6.84
C CYS B 130 3.73 4.98 7.55
N GLY B 131 3.27 4.11 8.44
CA GLY B 131 2.01 4.35 9.10
C GLY B 131 0.85 3.98 8.18
N SER B 132 -0.24 4.73 8.29
CA SER B 132 -1.40 4.48 7.45
C SER B 132 -2.02 5.77 6.92
N GLY B 133 -1.35 6.90 7.04
CA GLY B 133 -1.92 8.15 6.59
C GLY B 133 -1.11 8.78 5.48
N GLU B 134 -0.80 10.06 5.65
CA GLU B 134 -0.02 10.80 4.65
C GLU B 134 1.33 10.16 4.38
N GLY B 135 1.88 9.42 5.36
CA GLY B 135 3.12 8.66 5.16
C GLY B 135 3.15 7.72 3.96
N LEU B 136 1.99 7.25 3.51
CA LEU B 136 1.96 6.38 2.34
C LEU B 136 2.37 7.14 1.09
N ASP B 137 2.19 8.45 1.08
CA ASP B 137 2.56 9.38 0.02
C ASP B 137 3.94 9.99 0.28
N LEU B 138 4.15 10.56 1.48
CA LEU B 138 5.43 11.18 1.79
C LEU B 138 6.56 10.15 1.92
N GLY B 139 6.24 8.93 2.38
CA GLY B 139 7.25 7.88 2.37
C GLY B 139 7.72 7.51 0.98
N ARG B 140 6.82 7.53 0.01
CA ARG B 140 7.25 7.32 -1.38
C ARG B 140 8.12 8.47 -1.87
N VAL B 141 7.76 9.70 -1.53
CA VAL B 141 8.64 10.83 -1.86
C VAL B 141 10.02 10.62 -1.27
N CYS B 142 10.08 10.19 0.01
CA CYS B 142 11.37 9.97 0.65
C CYS B 142 12.19 8.98 -0.14
N LEU B 143 11.59 7.84 -0.48
CA LEU B 143 12.33 6.77 -1.16
C LEU B 143 12.92 7.28 -2.46
N ARG B 144 12.13 8.02 -3.23
CA ARG B 144 12.64 8.61 -4.47
C ARG B 144 13.72 9.63 -4.16
N LYS B 145 13.51 10.48 -3.15
CA LYS B 145 14.52 11.45 -2.77
C LYS B 145 15.88 10.79 -2.52
N TRP B 146 15.86 9.63 -1.90
CA TRP B 146 17.08 8.96 -1.46
C TRP B 146 17.65 8.05 -2.53
N GLY B 147 16.99 7.91 -3.67
CA GLY B 147 17.53 7.18 -4.79
C GLY B 147 17.02 5.76 -4.98
N TYR B 148 15.92 5.38 -4.33
CA TYR B 148 15.32 4.06 -4.48
C TYR B 148 14.07 4.11 -5.34
N ARG B 149 13.68 2.96 -5.84
CA ARG B 149 12.35 2.77 -6.37
C ARG B 149 11.61 1.76 -5.50
N ARG B 150 10.33 2.01 -5.27
CA ARG B 150 9.55 1.08 -4.47
C ARG B 150 9.33 -0.22 -5.23
N CYS B 151 9.74 -1.33 -4.63
CA CYS B 151 9.57 -2.66 -5.22
C CYS B 151 8.42 -3.44 -4.60
N GLU B 152 8.21 -3.34 -3.29
CA GLU B 152 7.08 -4.00 -2.64
C GLU B 152 6.48 -3.06 -1.60
N ASP B 153 5.26 -3.40 -1.19
CA ASP B 153 4.48 -2.68 -0.19
C ASP B 153 4.02 -3.73 0.82
N ILE B 154 4.62 -3.77 2.00
CA ILE B 154 4.33 -4.80 3.00
C ILE B 154 3.32 -4.25 3.97
N CYS B 155 2.16 -4.91 4.06
N CYS B 155 2.15 -4.90 4.05
CA CYS B 155 1.06 -4.43 4.88
CA CYS B 155 1.06 -4.44 4.89
C CYS B 155 1.01 -5.21 6.20
C CYS B 155 1.01 -5.20 6.20
N TRP B 156 1.03 -4.48 7.31
CA TRP B 156 0.86 -5.07 8.64
C TRP B 156 -0.62 -4.94 8.99
N ILE B 157 -1.33 -6.05 8.93
CA ILE B 157 -2.75 -6.10 9.14
C ILE B 157 -3.02 -6.51 10.58
N LYS B 158 -3.70 -5.67 11.33
CA LYS B 158 -3.85 -5.85 12.76
C LYS B 158 -5.25 -6.38 13.06
N THR B 159 -5.29 -7.58 13.64
CA THR B 159 -6.54 -8.20 14.06
C THR B 159 -6.97 -7.66 15.41
N ASN B 160 -8.28 -7.72 15.68
CA ASN B 160 -8.78 -7.36 17.00
C ASN B 160 -9.62 -8.48 17.59
N LYS B 161 -9.08 -9.71 17.60
CA LYS B 161 -9.83 -10.87 18.09
C LYS B 161 -10.11 -10.76 19.59
N ASN B 162 -9.23 -10.10 20.33
CA ASN B 162 -9.37 -9.93 21.78
C ASN B 162 -10.11 -8.66 22.16
N ASN B 163 -10.44 -7.79 21.21
CA ASN B 163 -11.24 -6.62 21.58
C ASN B 163 -12.12 -6.14 20.43
N PRO B 164 -13.09 -6.95 19.96
CA PRO B 164 -13.99 -6.53 18.87
C PRO B 164 -14.82 -5.29 19.21
N LEU B 170 -8.47 8.44 14.93
CA LEU B 170 -9.49 8.57 13.89
C LEU B 170 -9.28 9.88 13.12
N ASP B 171 -8.34 9.82 12.17
CA ASP B 171 -7.91 10.96 11.40
C ASP B 171 -9.12 11.72 10.84
N PRO B 172 -9.09 13.07 10.86
CA PRO B 172 -10.21 13.83 10.28
C PRO B 172 -10.47 13.50 8.82
N LYS B 173 -9.41 13.30 8.03
CA LYS B 173 -9.56 13.00 6.61
C LYS B 173 -9.94 11.55 6.35
N ALA B 174 -9.91 10.70 7.36
CA ALA B 174 -10.17 9.27 7.15
C ALA B 174 -11.58 9.04 6.63
N VAL B 175 -11.66 8.21 5.60
CA VAL B 175 -12.93 7.71 5.09
C VAL B 175 -13.31 6.41 5.79
N PHE B 176 -12.31 5.65 6.24
CA PHE B 176 -12.53 4.32 6.79
C PHE B 176 -11.74 4.16 8.09
N GLN B 177 -12.16 3.20 8.89
CA GLN B 177 -11.38 2.85 10.08
C GLN B 177 -10.07 2.23 9.63
N ARG B 178 -8.96 2.75 10.16
CA ARG B 178 -7.63 2.32 9.73
C ARG B 178 -7.15 1.19 10.63
N THR B 179 -6.91 0.02 10.02
CA THR B 179 -6.59 -1.18 10.78
C THR B 179 -5.29 -1.82 10.31
N LYS B 180 -4.37 -1.05 9.70
CA LYS B 180 -3.16 -1.63 9.12
C LYS B 180 -2.10 -0.54 9.02
N GLU B 181 -0.86 -0.97 8.87
CA GLU B 181 0.28 -0.08 8.63
C GLU B 181 1.08 -0.63 7.45
N HIS B 182 1.78 0.26 6.75
CA HIS B 182 2.54 -0.13 5.57
C HIS B 182 4.03 0.06 5.80
N CYS B 183 4.81 -0.92 5.37
CA CYS B 183 6.26 -0.85 5.38
C CYS B 183 6.70 -0.94 3.93
N LEU B 184 7.17 0.18 3.38
CA LEU B 184 7.53 0.23 1.96
C LEU B 184 8.94 -0.30 1.74
N MET B 185 9.09 -1.19 0.76
CA MET B 185 10.37 -1.74 0.35
C MET B 185 10.90 -1.00 -0.87
N GLY B 186 12.15 -0.54 -0.76
CA GLY B 186 12.80 0.18 -1.83
C GLY B 186 14.12 -0.46 -2.14
N ILE B 187 14.49 -0.42 -3.43
CA ILE B 187 15.75 -0.91 -3.98
C ILE B 187 16.49 0.21 -4.70
N LYS B 188 17.82 0.19 -4.60
CA LYS B 188 18.64 1.07 -5.43
C LYS B 188 19.79 0.26 -6.00
N GLY B 189 20.27 0.68 -7.18
CA GLY B 189 21.34 -0.03 -7.83
C GLY B 189 20.82 -1.14 -8.71
N THR B 190 21.75 -1.79 -9.40
CA THR B 190 21.44 -2.90 -10.27
C THR B 190 21.48 -4.22 -9.49
N ASP B 198 18.37 -15.90 -8.47
CA ASP B 198 19.75 -15.57 -8.11
C ASP B 198 20.19 -16.36 -6.87
N PHE B 199 21.50 -16.35 -6.62
CA PHE B 199 22.15 -17.16 -5.57
C PHE B 199 21.54 -18.56 -5.50
N ILE B 200 21.03 -18.94 -4.33
CA ILE B 200 20.30 -20.19 -4.17
C ILE B 200 19.08 -19.90 -3.31
N HIS B 201 18.91 -18.65 -2.90
CA HIS B 201 17.84 -18.24 -2.00
C HIS B 201 16.76 -17.49 -2.78
N ALA B 202 15.57 -18.10 -2.87
CA ALA B 202 14.45 -17.59 -3.62
C ALA B 202 13.47 -16.88 -2.69
N ASN B 203 12.37 -16.40 -3.27
CA ASN B 203 11.32 -15.73 -2.51
C ASN B 203 10.43 -16.77 -1.87
N VAL B 204 10.17 -16.61 -0.57
CA VAL B 204 9.32 -17.58 0.13
C VAL B 204 8.21 -16.86 0.90
N ASP B 205 8.27 -15.52 0.95
CA ASP B 205 7.42 -14.74 1.84
C ASP B 205 6.34 -13.99 1.05
N ILE B 206 5.24 -13.72 1.75
CA ILE B 206 4.13 -12.93 1.24
C ILE B 206 4.30 -11.51 1.75
N ASP B 207 3.57 -10.57 1.17
CA ASP B 207 3.69 -9.15 1.53
C ASP B 207 2.65 -8.73 2.57
N LEU B 208 2.24 -9.64 3.45
CA LEU B 208 1.33 -9.33 4.55
C LEU B 208 1.91 -9.85 5.84
N ILE B 209 1.76 -9.07 6.91
CA ILE B 209 1.99 -9.51 8.26
C ILE B 209 0.68 -9.37 9.01
N ILE B 210 0.24 -10.44 9.67
CA ILE B 210 -1.02 -10.45 10.41
C ILE B 210 -0.71 -10.76 11.86
N THR B 211 -0.94 -9.81 12.74
CA THR B 211 -0.87 -10.01 14.18
C THR B 211 -2.00 -9.23 14.80
N GLU B 212 -2.15 -9.39 16.10
CA GLU B 212 -3.20 -8.72 16.84
C GLU B 212 -2.77 -7.29 17.14
N GLU B 213 -3.72 -6.38 17.10
CA GLU B 213 -3.39 -5.00 17.36
C GLU B 213 -2.80 -4.88 18.77
N PRO B 214 -1.62 -4.32 18.92
CA PRO B 214 -1.00 -4.29 20.25
C PRO B 214 -1.72 -3.32 21.16
N GLU B 215 -1.44 -3.45 22.46
CA GLU B 215 -2.07 -2.58 23.45
C GLU B 215 -1.72 -1.13 23.16
N ILE B 216 -2.61 -0.23 23.60
CA ILE B 216 -2.41 1.19 23.34
C ILE B 216 -1.07 1.65 23.90
N GLY B 217 -0.43 2.58 23.20
CA GLY B 217 0.89 3.05 23.58
C GLY B 217 2.03 2.09 23.32
N ASN B 218 1.76 0.87 22.86
CA ASN B 218 2.81 -0.04 22.40
C ASN B 218 3.12 0.29 20.95
N ILE B 219 4.33 0.77 20.68
CA ILE B 219 4.71 1.24 19.36
C ILE B 219 5.55 0.23 18.59
N GLU B 220 5.75 -0.97 19.15
CA GLU B 220 6.61 -1.95 18.50
C GLU B 220 5.98 -2.44 17.20
N LYS B 221 6.80 -2.62 16.20
CA LYS B 221 6.35 -3.28 14.99
C LYS B 221 6.57 -4.77 15.10
N PRO B 222 5.84 -5.58 14.33
CA PRO B 222 6.02 -7.03 14.40
C PRO B 222 7.43 -7.45 14.03
N VAL B 223 8.04 -8.28 14.89
CA VAL B 223 9.36 -8.82 14.64
C VAL B 223 9.41 -9.59 13.34
N GLU B 224 8.26 -10.06 12.85
CA GLU B 224 8.24 -10.74 11.56
C GLU B 224 8.84 -9.91 10.42
N ILE B 225 8.85 -8.57 10.50
CA ILE B 225 9.50 -7.80 9.43
C ILE B 225 10.99 -8.17 9.34
N PHE B 226 11.64 -8.44 10.47
CA PHE B 226 13.05 -8.83 10.43
C PHE B 226 13.21 -10.13 9.64
N HIS B 227 12.23 -11.03 9.75
CA HIS B 227 12.31 -12.30 9.04
C HIS B 227 12.17 -12.12 7.54
N ILE B 228 11.15 -11.38 7.12
CA ILE B 228 11.02 -11.08 5.69
C ILE B 228 12.33 -10.51 5.16
N ILE B 229 12.88 -9.52 5.87
CA ILE B 229 14.13 -8.90 5.42
C ILE B 229 15.26 -9.93 5.37
N GLU B 230 15.46 -10.67 6.47
CA GLU B 230 16.60 -11.58 6.52
C GLU B 230 16.45 -12.74 5.53
N HIS B 231 15.21 -13.17 5.26
CA HIS B 231 14.98 -14.23 4.27
C HIS B 231 15.49 -13.84 2.88
N PHE B 232 15.56 -12.54 2.57
CA PHE B 232 16.01 -12.15 1.24
C PHE B 232 17.48 -12.50 1.00
N CYS B 233 18.29 -12.60 2.06
CA CYS B 233 19.75 -12.71 1.95
C CYS B 233 20.34 -11.54 1.14
N LEU B 234 20.21 -10.34 1.69
CA LEU B 234 20.52 -9.09 0.98
C LEU B 234 21.94 -8.60 1.17
N GLY B 235 22.77 -9.27 1.95
CA GLY B 235 23.96 -8.64 2.47
C GLY B 235 23.87 -8.50 3.99
N ARG B 236 25.03 -8.24 4.57
CA ARG B 236 25.21 -8.42 6.00
C ARG B 236 25.29 -7.13 6.77
N ARG B 237 25.37 -5.99 6.07
CA ARG B 237 25.49 -4.68 6.71
C ARG B 237 24.07 -4.15 6.85
N ARG B 238 23.48 -4.34 8.02
CA ARG B 238 22.07 -4.08 8.22
C ARG B 238 21.94 -3.05 9.31
N LEU B 239 21.21 -1.97 9.02
CA LEU B 239 21.09 -0.84 9.92
C LEU B 239 19.62 -0.63 10.24
N HIS B 240 19.33 -0.41 11.52
CA HIS B 240 17.97 -0.14 11.99
C HIS B 240 18.00 1.23 12.64
N LEU B 241 17.42 2.20 11.97
CA LEU B 241 17.37 3.55 12.50
C LEU B 241 16.10 3.72 13.29
N PHE B 242 16.23 4.35 14.47
CA PHE B 242 15.15 4.47 15.44
C PHE B 242 14.75 3.13 16.06
N GLY B 243 15.70 2.21 16.16
CA GLY B 243 15.48 1.03 16.98
C GLY B 243 15.53 1.39 18.46
N ARG B 244 15.30 0.38 19.31
CA ARG B 244 15.25 0.55 20.75
C ARG B 244 16.03 -0.58 21.40
N ASP B 245 16.21 -0.49 22.73
CA ASP B 245 16.81 -1.60 23.45
C ASP B 245 16.10 -2.91 23.10
N SER B 246 14.77 -2.85 22.98
CA SER B 246 13.91 -4.01 22.72
C SER B 246 14.04 -4.56 21.30
N THR B 247 14.64 -3.84 20.36
CA THR B 247 14.73 -4.34 18.99
C THR B 247 16.13 -4.82 18.63
N ILE B 248 17.10 -4.66 19.52
CA ILE B 248 18.46 -5.07 19.20
C ILE B 248 18.49 -6.55 18.89
N ARG B 249 19.37 -6.93 17.96
CA ARG B 249 19.21 -8.19 17.27
C ARG B 249 20.52 -8.57 16.63
N PRO B 250 20.90 -9.84 16.67
CA PRO B 250 22.09 -10.29 15.94
C PRO B 250 21.99 -9.99 14.46
N GLY B 251 23.12 -9.65 13.86
CA GLY B 251 23.12 -9.31 12.46
C GLY B 251 22.71 -7.89 12.13
N TRP B 252 22.49 -7.05 13.14
CA TRP B 252 22.01 -5.69 12.91
C TRP B 252 22.81 -4.70 13.73
N LEU B 253 22.98 -3.51 13.16
CA LEU B 253 23.39 -2.34 13.91
C LEU B 253 22.14 -1.49 14.19
N THR B 254 21.87 -1.25 15.47
CA THR B 254 20.70 -0.50 15.90
C THR B 254 21.15 0.87 16.38
N VAL B 255 20.51 1.92 15.87
CA VAL B 255 20.82 3.31 16.25
C VAL B 255 19.52 4.01 16.65
N GLY B 256 19.52 4.65 17.80
CA GLY B 256 18.31 5.25 18.27
C GLY B 256 18.52 6.14 19.46
N PRO B 257 17.59 7.08 19.69
CA PRO B 257 17.76 8.03 20.81
C PRO B 257 17.52 7.43 22.19
N THR B 258 16.72 6.38 22.30
CA THR B 258 16.36 5.85 23.61
C THR B 258 17.20 4.67 24.03
N LEU B 259 18.20 4.27 23.24
CA LEU B 259 19.08 3.19 23.67
C LEU B 259 19.78 3.58 24.96
N THR B 260 19.94 2.61 25.85
CA THR B 260 20.54 2.93 27.15
C THR B 260 22.03 2.66 27.17
N ASN B 261 22.53 1.90 26.20
CA ASN B 261 23.92 1.50 26.10
C ASN B 261 24.34 1.54 24.65
N SER B 262 25.65 1.64 24.45
CA SER B 262 26.26 1.56 23.13
C SER B 262 27.47 0.64 23.18
N ASN B 263 27.68 -0.06 22.07
CA ASN B 263 28.91 -0.81 21.87
C ASN B 263 29.48 -0.57 20.47
N TYR B 264 28.87 0.29 19.66
CA TYR B 264 29.31 0.53 18.28
C TYR B 264 30.74 1.05 18.22
N ASN B 265 31.57 0.39 17.42
CA ASN B 265 32.88 0.93 17.05
C ASN B 265 33.03 0.79 15.54
N ALA B 266 33.27 1.91 14.86
CA ALA B 266 33.22 1.91 13.40
C ALA B 266 34.27 0.97 12.81
N GLU B 267 35.45 0.94 13.42
CA GLU B 267 36.51 0.06 12.93
C GLU B 267 36.18 -1.40 13.23
N THR B 268 35.76 -1.71 14.46
CA THR B 268 35.32 -3.07 14.79
C THR B 268 34.21 -3.53 13.85
N TYR B 269 33.17 -2.70 13.68
CA TYR B 269 32.07 -3.08 12.80
C TYR B 269 32.56 -3.41 11.40
N ALA B 270 33.40 -2.54 10.84
CA ALA B 270 33.89 -2.77 9.48
C ALA B 270 34.71 -4.05 9.37
N SER B 271 35.39 -4.43 10.45
CA SER B 271 36.18 -5.67 10.44
C SER B 271 35.31 -6.90 10.23
N TYR B 272 34.03 -6.85 10.58
CA TYR B 272 33.16 -8.01 10.30
C TYR B 272 32.95 -8.26 8.82
N PHE B 273 33.20 -7.26 7.97
CA PHE B 273 32.97 -7.37 6.53
C PHE B 273 34.27 -7.25 5.73
N SER B 274 35.41 -7.36 6.40
CA SER B 274 36.69 -7.33 5.72
C SER B 274 36.91 -8.62 4.95
N ALA B 275 37.80 -8.56 3.96
CA ALA B 275 38.11 -9.71 3.14
C ALA B 275 38.47 -10.90 4.04
N PRO B 276 38.02 -12.12 3.72
CA PRO B 276 37.24 -12.42 2.50
C PRO B 276 35.72 -12.38 2.70
N ASN B 277 35.24 -11.56 3.64
CA ASN B 277 33.83 -11.54 4.03
C ASN B 277 33.02 -10.47 3.33
N SER B 278 33.61 -9.71 2.40
CA SER B 278 33.01 -8.45 1.96
C SER B 278 31.65 -8.67 1.30
N TYR B 279 31.51 -9.73 0.48
CA TYR B 279 30.40 -9.82 -0.46
C TYR B 279 29.40 -10.93 -0.11
N LEU B 280 29.44 -11.46 1.10
CA LEU B 280 28.54 -12.53 1.51
C LEU B 280 27.08 -12.05 1.48
N THR B 281 26.18 -13.00 1.27
CA THR B 281 24.75 -12.74 1.28
C THR B 281 24.16 -12.75 2.68
N GLY B 282 24.92 -13.18 3.68
CA GLY B 282 24.30 -13.46 4.96
C GLY B 282 23.62 -14.81 5.04
N CYS B 283 23.55 -15.57 3.94
CA CYS B 283 22.86 -16.84 3.87
C CYS B 283 23.76 -18.01 3.43
N THR B 284 25.07 -17.84 3.49
CA THR B 284 25.98 -18.91 3.10
C THR B 284 26.87 -19.28 4.28
N GLU B 285 27.59 -20.39 4.14
CA GLU B 285 28.46 -20.87 5.20
C GLU B 285 29.57 -19.85 5.48
N GLU B 286 30.08 -19.88 6.71
CA GLU B 286 31.11 -18.95 7.17
C GLU B 286 32.32 -18.88 6.24
#